data_7B9L
#
_entry.id   7B9L
#
_cell.length_a   57.950
_cell.length_b   72.080
_cell.length_c   158.160
_cell.angle_alpha   90.000
_cell.angle_beta   90.000
_cell.angle_gamma   90.000
#
_symmetry.space_group_name_H-M   'P 21 21 21'
#
loop_
_entity.id
_entity.type
_entity.pdbx_description
1 polymer 'Dual specificity mitogen-activated protein kinase kinase 1,Dual specificity mitogen-activated protein kinase kinase 1'
2 non-polymer 'PHOSPHOAMINOPHOSPHONIC ACID-ADENYLATE ESTER'
3 non-polymer ~{N}-(4-methoxyphenyl)-2-[(2~{S})-3-oxidanylidenethiomorpholin-2-yl]ethanamide
4 non-polymer GLYCEROL
5 non-polymer 'SULFATE ION'
6 non-polymer 'MAGNESIUM ION'
7 water water
#
_entity_poly.entity_id   1
_entity_poly.type   'polypeptide(L)'
_entity_poly.pdbx_seq_one_letter_code
;MAHHHHHHAAAENLYFQLEELELDEQQRKRLEAFLTQKQKVGELKDDDFEKISELGAGNGGVVFKVSHKPSGLVMARKLI
HLEIKPAIRNQIIRELQVLHECNSPYIVGFYGAFYSDGEISICMEHMDGGSLDQVLKKAGRIPEQILGKVSIAVIKGLTY
LREKHKIMHRDVKPSNILVNSRGEIKLCDFGVSGQLIDSMANSFVGTRSYMSPERLQGTHYSVQSDIWSMGLSLVEMAVG
RYPIGSGSGSMAIFELLDYIVNEPPPKLPSGVFSLEFQDFVNKCLIKNPAERADLKQLMVHAFIKRSDAEEVDFAGWLCS
TIGLNQ
;
_entity_poly.pdbx_strand_id   A,B
#
# COMPACT_ATOMS: atom_id res chain seq x y z
N LEU A 14 39.10 -12.84 -10.55
CA LEU A 14 37.92 -13.48 -9.95
C LEU A 14 37.78 -14.92 -10.41
N TYR A 15 37.47 -15.81 -9.46
CA TYR A 15 37.34 -17.24 -9.74
C TYR A 15 35.86 -17.55 -9.93
N PHE A 16 35.35 -17.25 -11.12
CA PHE A 16 33.95 -17.45 -11.47
C PHE A 16 33.55 -18.91 -11.42
N GLN A 17 32.40 -19.19 -10.82
CA GLN A 17 31.86 -20.54 -10.69
C GLN A 17 30.45 -20.45 -11.26
N LEU A 18 30.35 -20.15 -12.56
CA LEU A 18 29.08 -19.95 -13.24
C LEU A 18 28.77 -21.00 -14.32
N GLU A 19 29.47 -22.16 -14.31
CA GLU A 19 29.24 -23.21 -15.32
C GLU A 19 27.83 -23.82 -15.28
N GLU A 20 27.15 -23.81 -14.11
CA GLU A 20 25.79 -24.33 -13.91
C GLU A 20 24.73 -23.58 -14.74
N LEU A 21 25.01 -22.31 -15.09
CA LEU A 21 24.13 -21.47 -15.91
C LEU A 21 24.40 -21.79 -17.38
N GLU A 22 23.40 -21.63 -18.29
CA GLU A 22 23.62 -21.91 -19.72
C GLU A 22 24.71 -20.98 -20.30
N LEU A 23 24.46 -19.67 -20.25
CA LEU A 23 25.29 -18.54 -20.64
C LEU A 23 25.93 -18.62 -22.02
N ASP A 24 25.40 -17.82 -22.98
CA ASP A 24 26.05 -17.67 -24.27
C ASP A 24 27.21 -16.68 -23.97
N GLU A 25 28.19 -16.50 -24.88
CA GLU A 25 29.33 -15.62 -24.63
C GLU A 25 28.96 -14.17 -24.25
N GLN A 26 27.90 -13.62 -24.86
CA GLN A 26 27.44 -12.26 -24.57
C GLN A 26 26.91 -12.21 -23.11
N GLN A 27 26.12 -13.23 -22.71
CA GLN A 27 25.54 -13.30 -21.35
C GLN A 27 26.64 -13.48 -20.30
N ARG A 28 27.62 -14.32 -20.63
CA ARG A 28 28.78 -14.58 -19.78
C ARG A 28 29.57 -13.29 -19.56
N LYS A 29 29.82 -12.50 -20.64
CA LYS A 29 30.57 -11.24 -20.49
C LYS A 29 29.83 -10.24 -19.60
N ARG A 30 28.50 -10.12 -19.81
CA ARG A 30 27.67 -9.19 -19.06
C ARG A 30 27.61 -9.54 -17.56
N LEU A 31 27.41 -10.82 -17.23
CA LEU A 31 27.29 -11.25 -15.85
C LEU A 31 28.65 -11.11 -15.13
N GLU A 32 29.76 -11.49 -15.80
CA GLU A 32 31.08 -11.33 -15.20
C GLU A 32 31.40 -9.84 -14.97
N ALA A 33 30.94 -8.94 -15.89
CA ALA A 33 31.15 -7.49 -15.72
C ALA A 33 30.40 -6.95 -14.52
N PHE A 34 29.12 -7.37 -14.30
CA PHE A 34 28.35 -6.93 -13.14
C PHE A 34 29.03 -7.41 -11.84
N LEU A 35 29.37 -8.70 -11.81
CA LEU A 35 30.02 -9.28 -10.62
C LEU A 35 31.36 -8.64 -10.34
N THR A 36 32.11 -8.24 -11.40
CA THR A 36 33.39 -7.55 -11.22
C THR A 36 33.16 -6.16 -10.61
N GLN A 37 32.15 -5.42 -11.09
CA GLN A 37 31.85 -4.10 -10.55
C GLN A 37 31.39 -4.19 -9.09
N LYS A 38 30.61 -5.23 -8.77
CA LYS A 38 30.12 -5.51 -7.42
C LYS A 38 31.25 -5.67 -6.41
N GLN A 39 32.46 -6.09 -6.84
CA GLN A 39 33.59 -6.30 -5.93
C GLN A 39 34.09 -4.98 -5.32
N LYS A 40 33.64 -3.84 -5.87
CA LYS A 40 34.00 -2.54 -5.36
C LYS A 40 33.11 -2.20 -4.15
N VAL A 41 32.04 -3.00 -3.94
CA VAL A 41 31.01 -2.76 -2.93
C VAL A 41 31.12 -3.72 -1.76
N GLY A 42 31.29 -3.15 -0.58
CA GLY A 42 31.30 -3.90 0.68
C GLY A 42 30.05 -3.56 1.46
N GLU A 43 30.23 -3.26 2.75
CA GLU A 43 29.16 -2.90 3.67
C GLU A 43 28.47 -1.62 3.19
N LEU A 44 27.13 -1.64 3.15
CA LEU A 44 26.37 -0.47 2.69
C LEU A 44 25.83 0.28 3.88
N LYS A 45 25.94 1.62 3.86
CA LYS A 45 25.48 2.46 4.98
C LYS A 45 24.78 3.67 4.39
N ASP A 46 23.79 4.20 5.11
CA ASP A 46 23.00 5.33 4.64
C ASP A 46 23.85 6.55 4.22
N ASP A 47 24.84 6.92 5.08
CA ASP A 47 25.69 8.09 4.82
C ASP A 47 26.57 7.96 3.56
N ASP A 48 26.73 6.75 2.99
CA ASP A 48 27.55 6.56 1.80
C ASP A 48 26.80 6.77 0.46
N PHE A 49 25.51 7.18 0.52
CA PHE A 49 24.72 7.43 -0.68
C PHE A 49 24.37 8.89 -0.87
N GLU A 50 24.27 9.27 -2.14
CA GLU A 50 23.82 10.59 -2.57
C GLU A 50 22.65 10.34 -3.53
N LYS A 51 21.47 10.93 -3.26
CA LYS A 51 20.29 10.75 -4.10
C LYS A 51 20.43 11.55 -5.39
N ILE A 52 20.21 10.89 -6.53
CA ILE A 52 20.25 11.54 -7.83
C ILE A 52 18.85 11.95 -8.23
N SER A 53 17.92 10.98 -8.27
CA SER A 53 16.54 11.22 -8.70
C SER A 53 15.65 10.05 -8.26
N GLU A 54 14.32 10.20 -8.39
CA GLU A 54 13.41 9.11 -8.06
C GLU A 54 13.10 8.33 -9.33
N LEU A 55 13.28 7.01 -9.27
CA LEU A 55 13.02 6.12 -10.41
C LEU A 55 11.56 5.78 -10.50
N GLY A 56 10.95 5.56 -9.34
CA GLY A 56 9.53 5.22 -9.27
C GLY A 56 9.10 4.90 -7.87
N ALA A 57 7.82 4.56 -7.70
CA ALA A 57 7.31 4.20 -6.39
C ALA A 57 6.12 3.28 -6.55
N GLY A 58 5.90 2.44 -5.55
CA GLY A 58 4.78 1.51 -5.52
C GLY A 58 4.06 1.67 -4.20
N ASN A 59 3.18 0.71 -3.88
CA ASN A 59 2.43 0.74 -2.63
C ASN A 59 3.32 0.45 -1.42
N GLY A 60 4.32 -0.40 -1.62
CA GLY A 60 5.24 -0.81 -0.56
C GLY A 60 6.48 0.04 -0.35
N GLY A 61 7.00 0.66 -1.41
CA GLY A 61 8.21 1.47 -1.29
C GLY A 61 8.45 2.52 -2.36
N VAL A 62 9.65 3.12 -2.30
CA VAL A 62 10.11 4.14 -3.27
C VAL A 62 11.48 3.69 -3.75
N VAL A 63 11.79 3.94 -5.02
CA VAL A 63 13.08 3.56 -5.58
C VAL A 63 13.79 4.82 -6.09
N PHE A 64 15.01 5.05 -5.63
CA PHE A 64 15.80 6.19 -6.04
C PHE A 64 16.99 5.74 -6.85
N LYS A 65 17.38 6.58 -7.82
CA LYS A 65 18.62 6.41 -8.56
C LYS A 65 19.64 7.15 -7.65
N VAL A 66 20.68 6.42 -7.21
CA VAL A 66 21.63 6.93 -6.23
C VAL A 66 23.07 6.73 -6.67
N SER A 67 23.97 7.53 -6.11
CA SER A 67 25.40 7.37 -6.29
C SER A 67 25.94 6.75 -4.99
N HIS A 68 26.64 5.62 -5.08
CA HIS A 68 27.28 5.03 -3.90
C HIS A 68 28.68 5.64 -3.90
N LYS A 69 28.91 6.62 -3.01
CA LYS A 69 30.17 7.39 -2.97
C LYS A 69 31.43 6.53 -2.83
N PRO A 70 31.50 5.52 -1.94
CA PRO A 70 32.76 4.72 -1.84
C PRO A 70 33.19 4.02 -3.12
N SER A 71 32.23 3.46 -3.91
CA SER A 71 32.54 2.72 -5.14
C SER A 71 32.44 3.53 -6.43
N GLY A 72 31.67 4.62 -6.41
CA GLY A 72 31.39 5.44 -7.58
C GLY A 72 30.32 4.85 -8.47
N LEU A 73 29.68 3.76 -8.01
CA LEU A 73 28.65 3.11 -8.80
C LEU A 73 27.31 3.81 -8.66
N VAL A 74 26.55 3.84 -9.74
CA VAL A 74 25.18 4.32 -9.75
C VAL A 74 24.34 3.07 -9.49
N MET A 75 23.37 3.16 -8.58
N MET A 75 23.39 3.15 -8.53
CA MET A 75 22.48 2.03 -8.29
CA MET A 75 22.53 2.02 -8.14
C MET A 75 21.07 2.49 -8.04
C MET A 75 21.09 2.48 -8.14
N ALA A 76 20.16 1.52 -7.99
CA ALA A 76 18.74 1.75 -7.75
C ALA A 76 18.55 1.31 -6.28
N ARG A 77 18.16 2.23 -5.42
CA ARG A 77 17.98 1.95 -4.01
C ARG A 77 16.51 1.95 -3.69
N LYS A 78 15.97 0.77 -3.35
CA LYS A 78 14.56 0.65 -2.95
C LYS A 78 14.46 0.81 -1.44
N LEU A 79 13.62 1.74 -0.97
CA LEU A 79 13.43 1.94 0.47
C LEU A 79 12.04 1.50 0.85
N ILE A 80 11.96 0.61 1.86
CA ILE A 80 10.70 0.05 2.32
C ILE A 80 10.57 0.45 3.79
N HIS A 81 9.53 1.24 4.12
CA HIS A 81 9.36 1.68 5.48
C HIS A 81 8.87 0.54 6.36
N LEU A 82 9.65 0.21 7.40
CA LEU A 82 9.30 -0.81 8.38
C LEU A 82 9.94 -0.47 9.70
N GLU A 83 9.10 -0.13 10.67
CA GLU A 83 9.57 0.17 12.02
C GLU A 83 8.92 -0.86 12.95
N ILE A 84 9.49 -2.07 12.97
CA ILE A 84 9.02 -3.23 13.74
C ILE A 84 10.04 -3.67 14.79
N LYS A 85 9.79 -4.80 15.49
CA LYS A 85 10.68 -5.33 16.52
C LYS A 85 12.09 -5.54 15.91
N PRO A 86 13.13 -4.90 16.49
CA PRO A 86 14.47 -5.00 15.86
C PRO A 86 14.92 -6.42 15.50
N ALA A 87 14.62 -7.41 16.36
CA ALA A 87 15.00 -8.81 16.09
C ALA A 87 14.37 -9.38 14.81
N ILE A 88 13.08 -9.06 14.50
CA ILE A 88 12.46 -9.65 13.30
C ILE A 88 12.85 -8.81 12.04
N ARG A 89 13.14 -7.51 12.24
CA ARG A 89 13.64 -6.66 11.14
C ARG A 89 15.04 -7.24 10.76
N ASN A 90 15.82 -7.68 11.76
CA ASN A 90 17.14 -8.30 11.49
C ASN A 90 17.01 -9.65 10.78
N GLN A 91 15.93 -10.41 11.04
CA GLN A 91 15.65 -11.68 10.33
C GLN A 91 15.34 -11.38 8.85
N ILE A 92 14.61 -10.28 8.58
CA ILE A 92 14.35 -9.89 7.20
C ILE A 92 15.69 -9.57 6.51
N ILE A 93 16.53 -8.72 7.14
CA ILE A 93 17.81 -8.37 6.56
C ILE A 93 18.65 -9.63 6.27
N ARG A 94 18.66 -10.59 7.22
CA ARG A 94 19.40 -11.85 7.04
C ARG A 94 18.86 -12.61 5.83
N GLU A 95 17.52 -12.74 5.73
CA GLU A 95 16.91 -13.42 4.58
C GLU A 95 17.21 -12.74 3.24
N LEU A 96 17.30 -11.40 3.22
CA LEU A 96 17.64 -10.64 2.01
C LEU A 96 19.06 -10.89 1.53
N GLN A 97 19.96 -11.34 2.42
CA GLN A 97 21.36 -11.65 2.04
C GLN A 97 21.45 -12.79 1.02
N VAL A 98 20.40 -13.64 0.92
CA VAL A 98 20.33 -14.72 -0.08
C VAL A 98 20.42 -14.11 -1.49
N LEU A 99 20.02 -12.82 -1.64
CA LEU A 99 20.11 -12.14 -2.93
C LEU A 99 21.55 -12.12 -3.46
N HIS A 100 22.57 -12.22 -2.57
CA HIS A 100 23.97 -12.28 -3.04
C HIS A 100 24.27 -13.56 -3.87
N GLU A 101 23.42 -14.60 -3.73
CA GLU A 101 23.56 -15.87 -4.45
C GLU A 101 22.68 -15.96 -5.72
N CYS A 102 21.87 -14.93 -6.02
CA CYS A 102 20.95 -14.98 -7.16
C CYS A 102 21.54 -14.35 -8.42
N ASN A 103 22.48 -15.05 -9.06
CA ASN A 103 23.20 -14.58 -10.24
C ASN A 103 22.66 -15.24 -11.48
N SER A 104 21.97 -14.47 -12.32
CA SER A 104 21.36 -14.98 -13.54
C SER A 104 21.20 -13.84 -14.54
N PRO A 105 21.34 -14.10 -15.86
CA PRO A 105 21.06 -13.03 -16.84
C PRO A 105 19.63 -12.47 -16.76
N TYR A 106 18.69 -13.24 -16.16
CA TYR A 106 17.27 -12.88 -16.10
C TYR A 106 16.79 -12.28 -14.77
N ILE A 107 17.74 -12.00 -13.88
CA ILE A 107 17.44 -11.49 -12.52
C ILE A 107 18.27 -10.22 -12.30
N VAL A 108 17.63 -9.13 -11.84
CA VAL A 108 18.32 -7.87 -11.61
CA VAL A 108 18.33 -7.86 -11.61
C VAL A 108 19.50 -8.08 -10.64
N GLY A 109 20.63 -7.47 -10.95
CA GLY A 109 21.81 -7.60 -10.08
C GLY A 109 21.57 -6.99 -8.72
N PHE A 110 22.25 -7.54 -7.69
CA PHE A 110 22.04 -7.08 -6.33
C PHE A 110 23.37 -6.67 -5.70
N TYR A 111 23.40 -5.49 -5.04
CA TYR A 111 24.62 -5.01 -4.32
C TYR A 111 24.60 -5.23 -2.82
N GLY A 112 23.41 -5.20 -2.21
CA GLY A 112 23.31 -5.37 -0.76
C GLY A 112 22.02 -4.85 -0.17
N ALA A 113 21.76 -5.24 1.07
CA ALA A 113 20.56 -4.82 1.79
C ALA A 113 20.92 -4.53 3.23
N PHE A 114 20.32 -3.46 3.77
CA PHE A 114 20.58 -3.00 5.12
C PHE A 114 19.41 -2.22 5.68
N TYR A 115 19.43 -1.97 7.01
CA TYR A 115 18.40 -1.20 7.67
C TYR A 115 19.00 0.06 8.24
N SER A 116 18.26 1.17 8.12
CA SER A 116 18.63 2.47 8.69
C SER A 116 17.39 3.30 8.89
N ASP A 117 17.27 3.86 10.12
CA ASP A 117 16.25 4.77 10.60
C ASP A 117 14.84 4.50 10.02
N GLY A 118 14.28 3.35 10.36
CA GLY A 118 12.93 2.95 9.96
C GLY A 118 12.75 2.45 8.55
N GLU A 119 13.85 2.29 7.80
CA GLU A 119 13.75 1.85 6.40
C GLU A 119 14.70 0.72 6.05
N ILE A 120 14.18 -0.29 5.33
CA ILE A 120 14.99 -1.36 4.76
C ILE A 120 15.38 -0.87 3.38
N SER A 121 16.67 -0.92 3.05
CA SER A 121 17.19 -0.53 1.73
C SER A 121 17.61 -1.79 0.98
N ILE A 122 17.17 -1.92 -0.27
CA ILE A 122 17.55 -3.01 -1.15
C ILE A 122 18.24 -2.30 -2.33
N CYS A 123 19.56 -2.51 -2.47
CA CYS A 123 20.36 -1.83 -3.49
C CYS A 123 20.61 -2.76 -4.66
N MET A 124 20.19 -2.32 -5.84
CA MET A 124 20.21 -3.09 -7.07
C MET A 124 20.98 -2.46 -8.16
N GLU A 125 21.24 -3.26 -9.17
CA GLU A 125 21.77 -2.83 -10.43
C GLU A 125 20.75 -1.81 -11.00
N HIS A 126 21.24 -0.63 -11.42
CA HIS A 126 20.36 0.34 -12.07
C HIS A 126 20.08 -0.13 -13.51
N MET A 127 18.80 -0.28 -13.86
CA MET A 127 18.37 -0.70 -15.21
C MET A 127 17.90 0.57 -15.91
N ASP A 128 18.71 1.07 -16.84
CA ASP A 128 18.46 2.38 -17.46
C ASP A 128 17.19 2.46 -18.35
N GLY A 129 16.55 1.33 -18.67
CA GLY A 129 15.31 1.35 -19.44
C GLY A 129 14.06 1.32 -18.57
N GLY A 130 14.26 1.28 -17.25
CA GLY A 130 13.17 1.22 -16.28
C GLY A 130 12.36 -0.05 -16.41
N SER A 131 11.07 0.01 -16.03
CA SER A 131 10.23 -1.19 -16.11
C SER A 131 9.33 -1.18 -17.31
N LEU A 132 8.76 -2.35 -17.65
CA LEU A 132 7.87 -2.44 -18.81
C LEU A 132 6.57 -1.64 -18.63
N ASP A 133 6.11 -1.35 -17.36
CA ASP A 133 4.91 -0.49 -17.25
CA ASP A 133 4.95 -0.50 -17.13
C ASP A 133 5.29 0.92 -17.67
N GLN A 134 6.53 1.37 -17.37
CA GLN A 134 6.99 2.70 -17.81
C GLN A 134 7.18 2.72 -19.33
N VAL A 135 7.73 1.63 -19.91
CA VAL A 135 7.89 1.68 -21.36
C VAL A 135 6.52 1.55 -22.06
N LEU A 136 5.57 0.81 -21.47
CA LEU A 136 4.22 0.69 -22.06
C LEU A 136 3.55 2.06 -22.20
N LYS A 137 3.74 2.97 -21.21
CA LYS A 137 3.17 4.33 -21.23
C LYS A 137 3.63 5.11 -22.47
N LYS A 138 4.93 4.96 -22.84
CA LYS A 138 5.53 5.60 -24.01
C LYS A 138 5.29 4.86 -25.33
N ALA A 139 5.31 3.52 -25.33
CA ALA A 139 5.10 2.71 -26.53
C ALA A 139 3.64 2.68 -27.00
N GLY A 140 2.70 2.73 -26.05
CA GLY A 140 1.28 2.58 -26.33
C GLY A 140 0.91 1.10 -26.21
N ARG A 141 1.49 0.27 -27.07
CA ARG A 141 1.37 -1.19 -27.08
C ARG A 141 2.78 -1.71 -27.38
N ILE A 142 3.14 -2.90 -26.86
CA ILE A 142 4.43 -3.47 -27.15
C ILE A 142 4.26 -4.53 -28.24
N PRO A 143 5.04 -4.47 -29.34
CA PRO A 143 4.87 -5.46 -30.41
C PRO A 143 5.00 -6.91 -29.96
N GLU A 144 4.26 -7.80 -30.60
CA GLU A 144 4.28 -9.24 -30.30
C GLU A 144 5.69 -9.86 -30.30
N GLN A 145 6.54 -9.53 -31.33
CA GLN A 145 7.91 -10.07 -31.38
C GLN A 145 8.76 -9.63 -30.18
N ILE A 146 8.54 -8.40 -29.69
CA ILE A 146 9.24 -7.94 -28.47
C ILE A 146 8.70 -8.74 -27.27
N LEU A 147 7.38 -8.98 -27.23
CA LEU A 147 6.78 -9.75 -26.13
C LEU A 147 7.23 -11.23 -26.13
N GLY A 148 7.66 -11.73 -27.30
CA GLY A 148 8.23 -13.07 -27.36
C GLY A 148 9.52 -13.13 -26.58
N LYS A 149 10.38 -12.10 -26.76
CA LYS A 149 11.65 -12.02 -26.02
C LYS A 149 11.40 -11.81 -24.53
N VAL A 150 10.40 -10.99 -24.19
CA VAL A 150 10.04 -10.76 -22.78
C VAL A 150 9.60 -12.07 -22.14
N SER A 151 8.71 -12.83 -22.85
CA SER A 151 8.18 -14.10 -22.33
C SER A 151 9.31 -15.09 -22.06
N ILE A 152 10.28 -15.22 -23.00
CA ILE A 152 11.44 -16.10 -22.77
C ILE A 152 12.17 -15.68 -21.48
N ALA A 153 12.46 -14.38 -21.32
CA ALA A 153 13.18 -13.90 -20.13
C ALA A 153 12.41 -14.18 -18.83
N VAL A 154 11.09 -13.93 -18.84
CA VAL A 154 10.28 -14.18 -17.64
C VAL A 154 10.27 -15.67 -17.31
N ILE A 155 10.03 -16.56 -18.32
CA ILE A 155 10.02 -18.01 -18.05
C ILE A 155 11.37 -18.46 -17.52
N LYS A 156 12.45 -17.98 -18.13
CA LYS A 156 13.80 -18.37 -17.73
C LYS A 156 14.15 -17.86 -16.32
N GLY A 157 13.72 -16.63 -16.01
CA GLY A 157 13.91 -16.05 -14.65
C GLY A 157 13.16 -16.83 -13.59
N LEU A 158 11.87 -17.18 -13.86
CA LEU A 158 11.07 -17.98 -12.92
C LEU A 158 11.66 -19.37 -12.75
N THR A 159 12.15 -19.97 -13.85
CA THR A 159 12.77 -21.32 -13.77
C THR A 159 14.02 -21.28 -12.90
N TYR A 160 14.86 -20.24 -13.09
CA TYR A 160 16.10 -20.06 -12.30
C TYR A 160 15.75 -19.93 -10.81
N LEU A 161 14.80 -19.05 -10.48
CA LEU A 161 14.44 -18.85 -9.05
C LEU A 161 13.89 -20.15 -8.43
N ARG A 162 13.04 -20.88 -9.18
CA ARG A 162 12.45 -22.12 -8.66
C ARG A 162 13.48 -23.24 -8.54
N GLU A 163 14.26 -23.49 -9.62
CA GLU A 163 15.23 -24.60 -9.61
C GLU A 163 16.43 -24.40 -8.69
N LYS A 164 17.06 -23.22 -8.74
CA LYS A 164 18.27 -22.97 -7.98
C LYS A 164 18.02 -22.54 -6.56
N HIS A 165 16.93 -21.80 -6.31
CA HIS A 165 16.69 -21.23 -5.00
C HIS A 165 15.39 -21.64 -4.34
N LYS A 166 14.55 -22.45 -5.03
CA LYS A 166 13.27 -22.92 -4.48
C LYS A 166 12.38 -21.72 -4.08
N ILE A 167 12.46 -20.62 -4.86
CA ILE A 167 11.62 -19.47 -4.55
CA ILE A 167 11.75 -19.34 -4.64
C ILE A 167 10.65 -19.20 -5.70
N MET A 168 9.45 -18.76 -5.30
CA MET A 168 8.39 -18.44 -6.25
C MET A 168 8.47 -16.91 -6.32
N HIS A 169 8.11 -16.31 -7.47
CA HIS A 169 8.22 -14.87 -7.59
C HIS A 169 7.23 -14.14 -6.69
N ARG A 170 5.92 -14.42 -6.84
CA ARG A 170 4.78 -13.88 -6.07
C ARG A 170 4.32 -12.47 -6.47
N ASP A 171 5.06 -11.77 -7.37
CA ASP A 171 4.67 -10.41 -7.77
C ASP A 171 5.02 -10.10 -9.23
N VAL A 172 4.68 -11.02 -10.15
CA VAL A 172 4.94 -10.83 -11.59
C VAL A 172 3.93 -9.80 -12.10
N LYS A 173 4.45 -8.76 -12.76
CA LYS A 173 3.67 -7.67 -13.36
C LYS A 173 4.60 -6.79 -14.16
N PRO A 174 4.08 -5.93 -15.07
CA PRO A 174 5.00 -5.12 -15.91
C PRO A 174 5.97 -4.24 -15.11
N SER A 175 5.58 -3.77 -13.90
CA SER A 175 6.48 -2.94 -13.09
C SER A 175 7.67 -3.69 -12.51
N ASN A 176 7.60 -5.02 -12.50
CA ASN A 176 8.63 -5.90 -11.96
C ASN A 176 9.45 -6.58 -13.05
N ILE A 177 9.35 -6.10 -14.30
CA ILE A 177 10.17 -6.61 -15.40
C ILE A 177 10.94 -5.40 -15.87
N LEU A 178 12.25 -5.43 -15.64
CA LEU A 178 13.13 -4.30 -15.96
C LEU A 178 13.89 -4.55 -17.24
N VAL A 179 14.22 -3.46 -17.93
CA VAL A 179 14.93 -3.56 -19.20
C VAL A 179 16.06 -2.55 -19.27
N ASN A 180 17.02 -2.74 -20.19
CA ASN A 180 18.09 -1.77 -20.30
C ASN A 180 18.52 -1.57 -21.75
N SER A 181 19.38 -0.57 -21.98
CA SER A 181 19.88 -0.19 -23.32
C SER A 181 20.78 -1.25 -23.97
N ARG A 182 21.19 -2.28 -23.24
CA ARG A 182 21.95 -3.39 -23.80
C ARG A 182 20.96 -4.51 -24.25
N GLY A 183 19.67 -4.26 -24.06
CA GLY A 183 18.59 -5.18 -24.45
C GLY A 183 18.35 -6.32 -23.47
N GLU A 184 18.84 -6.17 -22.23
CA GLU A 184 18.61 -7.18 -21.19
C GLU A 184 17.21 -7.01 -20.60
N ILE A 185 16.58 -8.12 -20.16
CA ILE A 185 15.24 -8.18 -19.60
C ILE A 185 15.38 -8.99 -18.34
N LYS A 186 15.03 -8.40 -17.20
CA LYS A 186 15.32 -9.07 -15.92
C LYS A 186 14.17 -8.88 -14.94
N LEU A 187 14.00 -9.86 -14.05
CA LEU A 187 12.98 -9.76 -13.00
C LEU A 187 13.53 -9.10 -11.75
N CYS A 188 12.62 -8.40 -11.02
CA CYS A 188 12.97 -7.86 -9.69
C CYS A 188 11.78 -8.11 -8.76
N ASP A 189 11.94 -7.78 -7.47
CA ASP A 189 10.84 -7.84 -6.49
C ASP A 189 10.18 -9.22 -6.34
N PHE A 190 10.99 -10.27 -6.25
CA PHE A 190 10.54 -11.64 -6.02
C PHE A 190 10.65 -11.94 -4.51
N GLY A 191 9.87 -12.91 -4.05
CA GLY A 191 9.73 -13.24 -2.64
C GLY A 191 10.86 -14.06 -2.04
N VAL A 192 12.04 -13.46 -1.96
CA VAL A 192 13.24 -14.09 -1.39
C VAL A 192 13.13 -14.21 0.14
N SER A 193 12.38 -13.30 0.76
CA SER A 193 12.24 -13.26 2.20
C SER A 193 10.82 -13.55 2.67
N GLY A 194 10.65 -14.73 3.29
CA GLY A 194 9.39 -15.17 3.88
C GLY A 194 8.92 -14.22 4.97
N GLN A 195 9.85 -13.73 5.81
CA GLN A 195 9.51 -12.78 6.88
C GLN A 195 9.09 -11.39 6.33
N LEU A 196 9.71 -10.91 5.22
CA LEU A 196 9.33 -9.62 4.63
C LEU A 196 7.91 -9.69 4.05
N ILE A 197 7.51 -10.88 3.52
CA ILE A 197 6.16 -11.13 2.99
C ILE A 197 5.16 -10.99 4.16
N ASP A 198 5.42 -11.67 5.31
CA ASP A 198 4.60 -11.62 6.52
C ASP A 198 4.44 -10.20 7.11
N SER A 199 5.54 -9.41 7.13
CA SER A 199 5.57 -8.05 7.67
C SER A 199 4.92 -6.98 6.76
N MET A 200 4.86 -7.22 5.45
CA MET A 200 4.28 -6.30 4.48
C MET A 200 2.82 -6.67 4.18
N ARG A 208 -5.53 -2.20 -10.04
CA ARG A 208 -5.27 -3.34 -10.92
C ARG A 208 -4.68 -4.48 -10.12
N SER A 209 -5.17 -5.71 -10.36
CA SER A 209 -4.64 -6.90 -9.69
C SER A 209 -4.08 -7.86 -10.72
N TYR A 210 -2.95 -8.48 -10.38
CA TYR A 210 -2.36 -9.47 -11.25
C TYR A 210 -2.41 -10.81 -10.53
N MET A 211 -3.14 -10.87 -9.40
CA MET A 211 -3.26 -12.11 -8.63
C MET A 211 -4.15 -13.13 -9.31
N SER A 212 -3.75 -14.41 -9.27
CA SER A 212 -4.53 -15.47 -9.88
C SER A 212 -5.89 -15.67 -9.15
N PRO A 213 -6.92 -16.25 -9.81
CA PRO A 213 -8.21 -16.46 -9.13
C PRO A 213 -8.08 -17.29 -7.85
N GLU A 214 -7.22 -18.33 -7.88
CA GLU A 214 -7.03 -19.18 -6.69
C GLU A 214 -6.32 -18.39 -5.55
N ARG A 215 -5.33 -17.52 -5.89
CA ARG A 215 -4.67 -16.70 -4.86
C ARG A 215 -5.65 -15.68 -4.25
N LEU A 216 -6.55 -15.13 -5.07
CA LEU A 216 -7.55 -14.19 -4.56
C LEU A 216 -8.54 -14.82 -3.60
N GLN A 217 -8.83 -16.11 -3.80
CA GLN A 217 -9.80 -16.86 -3.00
C GLN A 217 -9.23 -17.46 -1.73
N GLY A 218 -7.92 -17.60 -1.66
CA GLY A 218 -7.26 -18.22 -0.52
C GLY A 218 -6.82 -19.63 -0.84
N THR A 219 -5.62 -19.75 -1.43
CA THR A 219 -4.96 -20.99 -1.88
C THR A 219 -3.45 -20.78 -1.70
N HIS A 220 -2.72 -21.82 -1.23
CA HIS A 220 -1.26 -21.76 -1.01
C HIS A 220 -0.56 -21.41 -2.31
N TYR A 221 0.43 -20.50 -2.24
CA TYR A 221 1.14 -20.04 -3.44
C TYR A 221 1.79 -21.16 -4.24
N SER A 222 1.62 -21.11 -5.57
CA SER A 222 2.22 -22.08 -6.48
C SER A 222 2.83 -21.33 -7.65
N VAL A 223 3.78 -22.01 -8.35
CA VAL A 223 4.43 -21.49 -9.57
C VAL A 223 3.31 -21.14 -10.55
N GLN A 224 2.21 -21.94 -10.54
CA GLN A 224 1.05 -21.71 -11.42
C GLN A 224 0.47 -20.30 -11.27
N SER A 225 0.49 -19.72 -10.06
N SER A 225 0.50 -19.73 -10.06
CA SER A 225 -0.03 -18.36 -9.84
CA SER A 225 0.00 -18.39 -9.80
C SER A 225 0.85 -17.32 -10.55
C SER A 225 0.84 -17.33 -10.52
N ASP A 226 2.17 -17.55 -10.60
CA ASP A 226 3.11 -16.66 -11.31
C ASP A 226 2.86 -16.72 -12.84
N ILE A 227 2.49 -17.92 -13.35
CA ILE A 227 2.19 -18.12 -14.78
C ILE A 227 0.95 -17.33 -15.17
N TRP A 228 -0.09 -17.33 -14.30
CA TRP A 228 -1.30 -16.53 -14.54
C TRP A 228 -0.89 -15.06 -14.62
N SER A 229 -0.08 -14.60 -13.63
CA SER A 229 0.36 -13.20 -13.56
C SER A 229 1.11 -12.80 -14.84
N MET A 230 1.97 -13.67 -15.32
CA MET A 230 2.70 -13.45 -16.59
C MET A 230 1.71 -13.34 -17.78
N GLY A 231 0.76 -14.28 -17.86
CA GLY A 231 -0.27 -14.27 -18.91
C GLY A 231 -1.02 -12.95 -18.95
N LEU A 232 -1.50 -12.49 -17.77
CA LEU A 232 -2.26 -11.24 -17.71
C LEU A 232 -1.36 -10.04 -18.10
N SER A 233 -0.11 -10.04 -17.64
CA SER A 233 0.85 -8.97 -17.95
C SER A 233 1.10 -8.89 -19.45
N LEU A 234 1.19 -10.06 -20.09
CA LEU A 234 1.41 -10.11 -21.55
C LEU A 234 0.22 -9.55 -22.30
N VAL A 235 -1.01 -9.90 -21.88
CA VAL A 235 -2.22 -9.35 -22.50
C VAL A 235 -2.22 -7.82 -22.37
N GLU A 236 -1.94 -7.30 -21.17
CA GLU A 236 -1.91 -5.84 -20.94
C GLU A 236 -0.90 -5.15 -21.84
N MET A 237 0.32 -5.70 -21.92
CA MET A 237 1.36 -5.08 -22.73
C MET A 237 1.05 -5.18 -24.21
N ALA A 238 0.33 -6.24 -24.64
CA ALA A 238 0.00 -6.41 -26.06
C ALA A 238 -1.09 -5.47 -26.52
N VAL A 239 -2.09 -5.20 -25.64
CA VAL A 239 -3.25 -4.36 -26.04
C VAL A 239 -3.12 -2.90 -25.59
N GLY A 240 -2.18 -2.62 -24.67
CA GLY A 240 -1.91 -1.26 -24.22
C GLY A 240 -2.80 -0.77 -23.09
N ARG A 241 -3.54 -1.69 -22.47
CA ARG A 241 -4.38 -1.37 -21.32
C ARG A 241 -4.60 -2.59 -20.43
N TYR A 242 -4.81 -2.35 -19.13
CA TYR A 242 -5.15 -3.41 -18.18
C TYR A 242 -6.42 -4.08 -18.73
N PRO A 243 -6.35 -5.40 -19.02
CA PRO A 243 -7.44 -6.01 -19.80
C PRO A 243 -8.72 -6.37 -19.07
N ILE A 244 -8.80 -6.08 -17.76
CA ILE A 244 -10.02 -6.34 -16.97
C ILE A 244 -10.54 -5.01 -16.40
N MET A 251 -13.54 1.27 -12.63
CA MET A 251 -13.97 -0.03 -12.10
C MET A 251 -13.70 -0.14 -10.59
N ALA A 252 -14.70 -0.64 -9.84
CA ALA A 252 -14.65 -0.83 -8.39
C ALA A 252 -13.79 -2.05 -8.03
N ILE A 253 -13.19 -2.05 -6.82
CA ILE A 253 -12.32 -3.14 -6.36
C ILE A 253 -13.06 -4.49 -6.24
N PHE A 254 -14.30 -4.52 -5.73
CA PHE A 254 -15.01 -5.80 -5.66
C PHE A 254 -15.33 -6.28 -7.08
N GLU A 255 -15.80 -5.36 -7.96
CA GLU A 255 -16.17 -5.65 -9.35
C GLU A 255 -15.01 -6.30 -10.11
N LEU A 256 -13.79 -5.75 -9.94
CA LEU A 256 -12.59 -6.25 -10.61
C LEU A 256 -12.21 -7.65 -10.13
N LEU A 257 -12.16 -7.85 -8.81
CA LEU A 257 -11.79 -9.15 -8.24
C LEU A 257 -12.85 -10.20 -8.54
N ASP A 258 -14.13 -9.80 -8.53
CA ASP A 258 -15.26 -10.70 -8.87
C ASP A 258 -15.11 -11.15 -10.32
N TYR A 259 -14.68 -10.23 -11.20
CA TYR A 259 -14.48 -10.55 -12.62
C TYR A 259 -13.38 -11.59 -12.76
N ILE A 260 -12.25 -11.41 -12.05
CA ILE A 260 -11.12 -12.37 -12.11
C ILE A 260 -11.55 -13.76 -11.63
N VAL A 261 -12.24 -13.81 -10.51
CA VAL A 261 -12.63 -15.07 -9.90
C VAL A 261 -13.76 -15.78 -10.64
N ASN A 262 -14.82 -15.05 -11.06
CA ASN A 262 -16.06 -15.65 -11.55
C ASN A 262 -16.36 -15.45 -13.04
N GLU A 263 -15.50 -14.79 -13.81
CA GLU A 263 -15.81 -14.61 -15.22
C GLU A 263 -14.70 -15.21 -16.07
N PRO A 264 -14.95 -15.54 -17.36
CA PRO A 264 -13.87 -16.11 -18.20
C PRO A 264 -12.63 -15.22 -18.25
N PRO A 265 -11.43 -15.82 -18.38
CA PRO A 265 -10.22 -14.98 -18.43
C PRO A 265 -10.16 -14.09 -19.67
N PRO A 266 -9.45 -12.94 -19.68
CA PRO A 266 -9.36 -12.15 -20.91
C PRO A 266 -8.58 -12.90 -21.99
N LYS A 267 -8.82 -12.53 -23.25
CA LYS A 267 -8.15 -13.13 -24.40
C LYS A 267 -7.59 -12.01 -25.26
N LEU A 268 -6.56 -12.29 -26.04
CA LEU A 268 -6.04 -11.32 -26.98
C LEU A 268 -7.05 -11.19 -28.14
N PRO A 269 -7.22 -9.98 -28.74
CA PRO A 269 -8.12 -9.89 -29.91
C PRO A 269 -7.56 -10.71 -31.09
N SER A 270 -8.44 -11.44 -31.79
CA SER A 270 -8.03 -12.26 -32.94
C SER A 270 -7.65 -11.40 -34.14
N GLY A 271 -6.89 -11.97 -35.07
CA GLY A 271 -6.48 -11.29 -36.30
C GLY A 271 -5.25 -10.43 -36.15
N VAL A 272 -5.20 -9.57 -35.11
CA VAL A 272 -4.08 -8.67 -34.86
C VAL A 272 -2.90 -9.44 -34.25
N PHE A 273 -3.17 -10.57 -33.57
CA PHE A 273 -2.09 -11.37 -32.96
C PHE A 273 -2.03 -12.74 -33.56
N SER A 274 -0.80 -13.35 -33.62
CA SER A 274 -0.65 -14.70 -34.18
C SER A 274 -1.41 -15.73 -33.36
N LEU A 275 -1.78 -16.83 -34.01
CA LEU A 275 -2.46 -17.95 -33.34
C LEU A 275 -1.57 -18.55 -32.23
N GLU A 276 -0.23 -18.58 -32.43
CA GLU A 276 0.71 -19.11 -31.41
C GLU A 276 0.66 -18.24 -30.17
N PHE A 277 0.68 -16.90 -30.34
CA PHE A 277 0.64 -16.00 -29.18
C PHE A 277 -0.70 -16.09 -28.45
N GLN A 278 -1.81 -16.16 -29.19
CA GLN A 278 -3.13 -16.33 -28.58
C GLN A 278 -3.16 -17.61 -27.74
N ASP A 279 -2.67 -18.74 -28.30
CA ASP A 279 -2.66 -20.02 -27.59
C ASP A 279 -1.78 -19.97 -26.35
N PHE A 280 -0.62 -19.29 -26.45
CA PHE A 280 0.31 -19.16 -25.34
C PHE A 280 -0.34 -18.41 -24.16
N VAL A 281 -0.94 -17.24 -24.41
CA VAL A 281 -1.60 -16.50 -23.32
C VAL A 281 -2.81 -17.29 -22.78
N ASN A 282 -3.56 -17.99 -23.69
CA ASN A 282 -4.72 -18.79 -23.26
C ASN A 282 -4.31 -19.86 -22.28
N LYS A 283 -3.17 -20.54 -22.54
CA LYS A 283 -2.64 -21.58 -21.65
C LYS A 283 -2.17 -21.03 -20.29
N CYS A 284 -1.72 -19.75 -20.24
CA CYS A 284 -1.31 -19.12 -18.99
C CYS A 284 -2.54 -18.74 -18.16
N LEU A 285 -3.65 -18.41 -18.83
CA LEU A 285 -4.84 -17.84 -18.18
C LEU A 285 -5.98 -18.82 -17.91
N ILE A 286 -5.72 -20.13 -18.05
CA ILE A 286 -6.71 -21.17 -17.69
C ILE A 286 -7.02 -21.03 -16.19
N LYS A 287 -8.32 -20.91 -15.83
CA LYS A 287 -8.74 -20.74 -14.45
C LYS A 287 -8.26 -21.84 -13.49
N ASN A 288 -8.39 -23.11 -13.91
CA ASN A 288 -7.96 -24.26 -13.10
C ASN A 288 -6.44 -24.35 -13.12
N PRO A 289 -5.73 -24.15 -11.96
CA PRO A 289 -4.25 -24.17 -12.00
C PRO A 289 -3.62 -25.49 -12.43
N ALA A 290 -4.33 -26.63 -12.25
CA ALA A 290 -3.82 -27.95 -12.66
C ALA A 290 -3.86 -28.13 -14.19
N GLU A 291 -4.75 -27.39 -14.89
CA GLU A 291 -4.94 -27.42 -16.34
C GLU A 291 -4.06 -26.34 -17.00
N ARG A 292 -3.81 -25.26 -16.26
CA ARG A 292 -2.95 -24.16 -16.70
C ARG A 292 -1.54 -24.70 -16.98
N ALA A 293 -0.88 -24.17 -18.04
CA ALA A 293 0.46 -24.63 -18.40
C ALA A 293 1.49 -24.46 -17.27
N ASP A 294 2.49 -25.36 -17.22
CA ASP A 294 3.60 -25.23 -16.26
C ASP A 294 4.82 -24.67 -16.99
N LEU A 295 5.91 -24.29 -16.26
CA LEU A 295 7.10 -23.69 -16.90
C LEU A 295 7.71 -24.58 -17.95
N LYS A 296 7.76 -25.90 -17.70
CA LYS A 296 8.32 -26.87 -18.65
C LYS A 296 7.52 -26.84 -19.96
N GLN A 297 6.16 -26.82 -19.87
CA GLN A 297 5.30 -26.80 -21.06
C GLN A 297 5.44 -25.50 -21.83
N LEU A 298 5.55 -24.38 -21.11
CA LEU A 298 5.69 -23.06 -21.75
C LEU A 298 7.00 -22.92 -22.51
N MET A 299 8.09 -23.48 -21.98
CA MET A 299 9.41 -23.37 -22.62
C MET A 299 9.46 -24.06 -24.01
N VAL A 300 8.56 -25.03 -24.26
CA VAL A 300 8.51 -25.77 -25.53
C VAL A 300 7.25 -25.41 -26.36
N HIS A 301 6.49 -24.37 -25.93
CA HIS A 301 5.29 -23.97 -26.66
C HIS A 301 5.74 -23.34 -27.99
N ALA A 302 4.92 -23.49 -29.04
CA ALA A 302 5.23 -22.93 -30.37
C ALA A 302 5.56 -21.43 -30.29
N PHE A 303 4.85 -20.64 -29.44
CA PHE A 303 5.17 -19.20 -29.33
C PHE A 303 6.63 -18.95 -28.90
N ILE A 304 7.11 -19.75 -27.94
CA ILE A 304 8.47 -19.63 -27.41
C ILE A 304 9.48 -20.15 -28.42
N LYS A 305 9.22 -21.31 -29.05
CA LYS A 305 10.14 -21.83 -30.06
C LYS A 305 10.29 -20.84 -31.21
N ARG A 306 9.15 -20.24 -31.66
CA ARG A 306 9.19 -19.24 -32.73
C ARG A 306 9.96 -17.99 -32.31
N SER A 307 9.64 -17.45 -31.13
CA SER A 307 10.28 -16.23 -30.61
C SER A 307 11.77 -16.44 -30.40
N ASP A 308 12.18 -17.63 -29.93
CA ASP A 308 13.60 -17.87 -29.66
C ASP A 308 14.44 -17.86 -30.97
N ALA A 309 13.83 -18.26 -32.09
CA ALA A 309 14.52 -18.32 -33.39
C ALA A 309 14.55 -16.94 -34.06
N GLU A 310 13.66 -16.02 -33.67
CA GLU A 310 13.56 -14.70 -34.29
C GLU A 310 14.73 -13.79 -33.92
N GLU A 311 15.17 -13.00 -34.90
CA GLU A 311 16.23 -12.02 -34.72
C GLU A 311 15.50 -10.71 -34.48
N VAL A 312 15.58 -10.22 -33.25
CA VAL A 312 14.89 -9.03 -32.85
C VAL A 312 15.97 -8.15 -32.19
N ASP A 313 16.04 -6.91 -32.60
CA ASP A 313 16.97 -5.96 -32.03
C ASP A 313 16.19 -5.25 -30.91
N PHE A 314 16.07 -5.92 -29.76
CA PHE A 314 15.34 -5.44 -28.59
C PHE A 314 15.96 -4.11 -28.12
N ALA A 315 17.30 -4.04 -28.01
CA ALA A 315 18.03 -2.84 -27.58
C ALA A 315 17.71 -1.64 -28.47
N GLY A 316 17.72 -1.85 -29.80
CA GLY A 316 17.41 -0.81 -30.76
C GLY A 316 15.98 -0.34 -30.63
N TRP A 317 15.02 -1.29 -30.46
CA TRP A 317 13.61 -0.97 -30.30
C TRP A 317 13.40 -0.15 -29.02
N LEU A 318 14.01 -0.59 -27.91
CA LEU A 318 13.87 0.06 -26.60
C LEU A 318 14.42 1.48 -26.63
N CYS A 319 15.66 1.65 -27.11
CA CYS A 319 16.32 2.95 -27.18
C CYS A 319 15.56 3.95 -28.04
N SER A 320 14.95 3.48 -29.14
CA SER A 320 14.15 4.32 -30.01
C SER A 320 12.79 4.66 -29.38
N THR A 321 12.14 3.69 -28.72
CA THR A 321 10.80 3.91 -28.15
C THR A 321 10.77 4.89 -26.97
N ILE A 322 11.76 4.85 -26.08
CA ILE A 322 11.79 5.72 -24.89
C ILE A 322 12.85 6.85 -24.96
N GLY A 323 13.55 6.95 -26.10
CA GLY A 323 14.56 7.99 -26.31
C GLY A 323 15.79 7.85 -25.44
N LEU A 324 16.35 6.65 -25.41
CA LEU A 324 17.54 6.29 -24.65
C LEU A 324 18.71 6.10 -25.63
N ASN A 325 19.97 6.26 -25.16
CA ASN A 325 21.13 6.06 -26.02
C ASN A 325 22.15 5.09 -25.43
N GLU B 22 -21.85 25.42 19.34
CA GLU B 22 -22.27 25.35 20.74
C GLU B 22 -21.40 24.35 21.52
N LEU B 23 -20.43 24.89 22.29
CA LEU B 23 -19.49 24.12 23.10
C LEU B 23 -19.71 24.42 24.58
N ASP B 24 -19.29 23.49 25.47
CA ASP B 24 -19.34 23.76 26.90
C ASP B 24 -18.11 24.61 27.28
N GLU B 25 -18.08 25.12 28.53
CA GLU B 25 -17.02 25.96 29.08
C GLU B 25 -15.60 25.38 28.81
N GLN B 26 -15.35 24.11 29.20
CA GLN B 26 -14.06 23.46 29.05
C GLN B 26 -13.66 23.28 27.58
N GLN B 27 -14.62 22.93 26.70
CA GLN B 27 -14.34 22.78 25.26
C GLN B 27 -13.92 24.10 24.59
N ARG B 28 -14.57 25.22 24.96
CA ARG B 28 -14.26 26.54 24.41
C ARG B 28 -12.83 26.96 24.82
N LYS B 29 -12.49 26.75 26.12
CA LYS B 29 -11.17 27.05 26.69
C LYS B 29 -10.09 26.23 25.97
N ARG B 30 -10.34 24.93 25.76
CA ARG B 30 -9.38 24.05 25.06
C ARG B 30 -9.15 24.49 23.62
N LEU B 31 -10.23 24.86 22.90
CA LEU B 31 -10.15 25.33 21.52
C LEU B 31 -9.38 26.64 21.41
N GLU B 32 -9.68 27.60 22.31
CA GLU B 32 -9.00 28.90 22.39
C GLU B 32 -7.51 28.71 22.65
N ALA B 33 -7.14 27.80 23.58
CA ALA B 33 -5.75 27.46 23.92
C ALA B 33 -4.98 26.90 22.73
N PHE B 34 -5.62 26.02 21.91
CA PHE B 34 -4.96 25.45 20.71
C PHE B 34 -4.70 26.56 19.68
N LEU B 35 -5.72 27.41 19.40
CA LEU B 35 -5.60 28.53 18.47
C LEU B 35 -4.52 29.55 18.91
N THR B 36 -4.40 29.79 20.24
CA THR B 36 -3.37 30.71 20.76
C THR B 36 -1.97 30.10 20.57
N GLN B 37 -1.83 28.78 20.83
CA GLN B 37 -0.60 28.00 20.67
C GLN B 37 -0.19 27.97 19.17
N LYS B 38 -1.18 27.84 18.27
CA LYS B 38 -1.01 27.84 16.82
C LYS B 38 -0.54 29.21 16.28
N GLN B 39 -0.94 30.32 16.93
CA GLN B 39 -0.55 31.68 16.54
C GLN B 39 0.97 31.92 16.58
N LYS B 40 1.72 31.13 17.38
CA LYS B 40 3.17 31.29 17.48
C LYS B 40 3.96 30.43 16.47
N VAL B 41 3.26 29.72 15.56
CA VAL B 41 3.96 28.97 14.53
C VAL B 41 4.00 29.80 13.24
N GLY B 42 5.18 29.97 12.68
CA GLY B 42 5.36 30.72 11.45
C GLY B 42 5.17 29.84 10.24
N GLU B 43 5.95 30.11 9.17
CA GLU B 43 5.90 29.28 7.95
C GLU B 43 6.54 27.92 8.31
N LEU B 44 5.84 26.82 7.96
CA LEU B 44 6.34 25.48 8.25
C LEU B 44 7.34 25.05 7.19
N LYS B 45 8.54 24.64 7.62
CA LYS B 45 9.64 24.23 6.74
C LYS B 45 10.24 22.92 7.25
N ASP B 46 10.69 22.06 6.32
CA ASP B 46 11.25 20.74 6.63
C ASP B 46 12.38 20.74 7.66
N ASP B 47 13.37 21.64 7.50
CA ASP B 47 14.55 21.73 8.37
C ASP B 47 14.26 22.17 9.80
N ASP B 48 13.06 22.74 10.03
CA ASP B 48 12.63 23.23 11.35
C ASP B 48 12.09 22.15 12.28
N PHE B 49 12.04 20.89 11.81
CA PHE B 49 11.55 19.77 12.60
C PHE B 49 12.64 18.82 13.05
N GLU B 50 12.47 18.26 14.25
CA GLU B 50 13.39 17.28 14.82
C GLU B 50 12.57 16.04 15.22
N LYS B 51 12.95 14.88 14.68
CA LYS B 51 12.24 13.62 14.95
C LYS B 51 12.48 13.14 16.40
N ILE B 52 11.40 12.79 17.11
CA ILE B 52 11.47 12.26 18.48
C ILE B 52 11.29 10.74 18.37
N SER B 53 10.19 10.31 17.71
CA SER B 53 9.87 8.89 17.56
C SER B 53 8.87 8.69 16.46
N GLU B 54 8.63 7.42 16.06
CA GLU B 54 7.61 7.13 15.08
C GLU B 54 6.32 6.71 15.81
N LEU B 55 5.21 7.38 15.49
CA LEU B 55 3.93 7.10 16.15
C LEU B 55 3.23 5.94 15.50
N GLY B 56 3.49 5.78 14.20
CA GLY B 56 2.91 4.69 13.44
C GLY B 56 2.96 4.95 11.96
N ALA B 57 2.43 3.99 11.20
CA ALA B 57 2.40 4.11 9.74
C ALA B 57 1.20 3.37 9.23
N GLY B 58 0.72 3.78 8.08
CA GLY B 58 -0.38 3.14 7.38
C GLY B 58 0.10 2.80 6.00
N ASN B 59 -0.83 2.66 5.07
CA ASN B 59 -0.51 2.34 3.68
C ASN B 59 0.15 3.52 2.96
N GLY B 60 -0.46 4.70 3.06
CA GLY B 60 0.03 5.89 2.37
C GLY B 60 1.05 6.79 3.05
N GLY B 61 1.14 6.74 4.38
CA GLY B 61 2.07 7.62 5.07
C GLY B 61 2.72 7.07 6.31
N VAL B 62 3.58 7.89 6.89
CA VAL B 62 4.27 7.61 8.16
C VAL B 62 4.04 8.82 9.06
N VAL B 63 3.76 8.58 10.34
CA VAL B 63 3.52 9.66 11.30
C VAL B 63 4.61 9.68 12.36
N PHE B 64 5.25 10.83 12.53
CA PHE B 64 6.30 10.96 13.52
C PHE B 64 5.88 11.93 14.59
N LYS B 65 6.34 11.66 15.82
CA LYS B 65 6.22 12.63 16.90
C LYS B 65 7.46 13.51 16.67
N VAL B 66 7.27 14.83 16.52
CA VAL B 66 8.37 15.73 16.22
C VAL B 66 8.40 16.93 17.14
N SER B 67 9.54 17.59 17.19
CA SER B 67 9.64 18.85 17.90
C SER B 67 9.76 19.90 16.79
N HIS B 68 8.87 20.92 16.82
CA HIS B 68 9.00 22.07 15.93
C HIS B 68 9.95 22.98 16.69
N LYS B 69 11.22 22.97 16.25
CA LYS B 69 12.27 23.69 16.94
C LYS B 69 11.98 25.19 17.18
N PRO B 70 11.48 25.98 16.19
CA PRO B 70 11.24 27.41 16.44
C PRO B 70 10.20 27.75 17.51
N SER B 71 9.16 26.92 17.67
CA SER B 71 8.11 27.17 18.65
C SER B 71 8.27 26.36 19.96
N GLY B 72 9.00 25.24 19.88
CA GLY B 72 9.21 24.31 21.00
C GLY B 72 8.06 23.32 21.14
N LEU B 73 7.07 23.43 20.25
CA LEU B 73 5.84 22.61 20.26
C LEU B 73 6.10 21.19 19.79
N VAL B 74 5.50 20.22 20.48
CA VAL B 74 5.55 18.82 20.07
C VAL B 74 4.37 18.65 19.14
N MET B 75 4.59 18.12 17.94
CA MET B 75 3.50 17.89 16.97
C MET B 75 3.54 16.47 16.47
N ALA B 76 2.50 16.09 15.72
CA ALA B 76 2.48 14.81 15.00
C ALA B 76 2.62 15.22 13.54
N ARG B 77 3.65 14.72 12.86
CA ARG B 77 3.89 15.07 11.47
C ARG B 77 3.65 13.86 10.59
N LYS B 78 2.61 13.90 9.73
CA LYS B 78 2.36 12.82 8.79
C LYS B 78 3.10 13.16 7.50
N LEU B 79 3.91 12.22 7.01
CA LEU B 79 4.67 12.41 5.76
C LEU B 79 4.15 11.43 4.72
N ILE B 80 3.73 11.98 3.55
CA ILE B 80 3.16 11.16 2.48
C ILE B 80 4.06 11.31 1.29
N HIS B 81 4.69 10.20 0.87
CA HIS B 81 5.59 10.29 -0.27
C HIS B 81 4.83 10.34 -1.58
N LEU B 82 5.05 11.43 -2.33
CA LEU B 82 4.50 11.71 -3.65
C LEU B 82 5.48 12.58 -4.44
N GLU B 83 6.14 12.03 -5.44
CA GLU B 83 7.03 12.84 -6.27
C GLU B 83 6.10 13.22 -7.44
N ILE B 84 5.56 14.44 -7.36
CA ILE B 84 4.55 14.98 -8.29
C ILE B 84 4.98 16.34 -8.80
N LYS B 85 4.50 16.70 -9.99
CA LYS B 85 4.83 17.99 -10.59
C LYS B 85 4.14 19.16 -9.86
N PRO B 86 4.72 20.39 -9.94
CA PRO B 86 4.12 21.54 -9.23
C PRO B 86 2.60 21.71 -9.34
N ALA B 87 2.01 21.55 -10.55
CA ALA B 87 0.55 21.75 -10.71
C ALA B 87 -0.29 20.87 -9.81
N ILE B 88 0.06 19.59 -9.69
CA ILE B 88 -0.74 18.73 -8.85
C ILE B 88 -0.34 18.94 -7.35
N ARG B 89 0.96 19.16 -7.01
CA ARG B 89 1.35 19.42 -5.60
C ARG B 89 0.69 20.70 -5.06
N ASN B 90 0.68 21.78 -5.86
CA ASN B 90 0.04 23.05 -5.46
C ASN B 90 -1.44 22.86 -5.27
N GLN B 91 -2.07 22.02 -6.10
CA GLN B 91 -3.51 21.74 -5.93
C GLN B 91 -3.77 21.03 -4.59
N ILE B 92 -2.93 20.02 -4.25
CA ILE B 92 -3.07 19.30 -2.98
C ILE B 92 -2.89 20.26 -1.79
N ILE B 93 -1.80 21.06 -1.78
CA ILE B 93 -1.54 22.01 -0.70
C ILE B 93 -2.70 22.99 -0.55
N ARG B 94 -3.24 23.51 -1.69
CA ARG B 94 -4.40 24.42 -1.61
C ARG B 94 -5.59 23.73 -0.92
N GLU B 95 -5.91 22.49 -1.34
CA GLU B 95 -7.05 21.77 -0.76
C GLU B 95 -6.85 21.51 0.74
N LEU B 96 -5.61 21.23 1.16
CA LEU B 96 -5.28 20.98 2.57
C LEU B 96 -5.41 22.24 3.44
N GLN B 97 -5.33 23.45 2.84
CA GLN B 97 -5.47 24.69 3.62
C GLN B 97 -6.84 24.81 4.30
N VAL B 98 -7.87 24.07 3.83
CA VAL B 98 -9.19 24.15 4.46
C VAL B 98 -9.15 23.54 5.88
N LEU B 99 -8.10 22.78 6.19
CA LEU B 99 -7.91 22.23 7.53
C LEU B 99 -7.70 23.37 8.57
N HIS B 100 -7.30 24.59 8.11
CA HIS B 100 -7.19 25.75 9.00
C HIS B 100 -8.57 26.22 9.49
N GLU B 101 -9.63 25.89 8.73
CA GLU B 101 -11.02 26.26 9.03
C GLU B 101 -11.75 25.16 9.83
N CYS B 102 -11.16 23.96 9.97
CA CYS B 102 -11.78 22.81 10.68
C CYS B 102 -11.46 22.80 12.17
N ASN B 103 -12.14 23.69 12.92
CA ASN B 103 -11.97 23.84 14.36
C ASN B 103 -13.18 23.29 15.13
N SER B 104 -12.98 22.13 15.77
CA SER B 104 -14.03 21.46 16.52
C SER B 104 -13.42 20.67 17.67
N PRO B 105 -14.16 20.45 18.80
CA PRO B 105 -13.62 19.57 19.85
C PRO B 105 -13.43 18.12 19.36
N TYR B 106 -14.06 17.75 18.24
CA TYR B 106 -14.07 16.38 17.75
C TYR B 106 -13.19 16.16 16.52
N ILE B 107 -12.35 17.13 16.17
CA ILE B 107 -11.46 17.06 15.01
C ILE B 107 -10.06 17.39 15.52
N VAL B 108 -9.06 16.58 15.13
CA VAL B 108 -7.68 16.80 15.57
C VAL B 108 -7.20 18.20 15.13
N GLY B 109 -6.48 18.89 16.00
CA GLY B 109 -5.96 20.22 15.72
C GLY B 109 -4.95 20.18 14.61
N PHE B 110 -4.98 21.20 13.74
CA PHE B 110 -4.10 21.26 12.57
C PHE B 110 -3.22 22.50 12.61
N TYR B 111 -1.91 22.33 12.37
CA TYR B 111 -0.97 23.46 12.35
C TYR B 111 -0.63 23.97 10.96
N GLY B 112 -0.58 23.06 9.99
CA GLY B 112 -0.21 23.42 8.63
C GLY B 112 0.22 22.26 7.78
N ALA B 113 0.26 22.50 6.48
CA ALA B 113 0.64 21.50 5.49
C ALA B 113 1.55 22.09 4.44
N PHE B 114 2.61 21.35 4.06
CA PHE B 114 3.58 21.82 3.09
C PHE B 114 4.20 20.66 2.30
N TYR B 115 4.84 20.98 1.17
CA TYR B 115 5.53 20.00 0.35
C TYR B 115 7.02 20.28 0.41
N SER B 116 7.83 19.22 0.53
CA SER B 116 9.29 19.35 0.51
C SER B 116 9.88 18.07 -0.02
N ASP B 117 10.74 18.19 -1.06
CA ASP B 117 11.48 17.09 -1.71
C ASP B 117 10.74 15.72 -1.74
N GLY B 118 9.66 15.66 -2.52
CA GLY B 118 8.90 14.45 -2.72
C GLY B 118 7.98 14.04 -1.59
N GLU B 119 7.81 14.89 -0.56
CA GLU B 119 6.95 14.53 0.57
C GLU B 119 5.94 15.63 0.90
N ILE B 120 4.68 15.23 1.10
CA ILE B 120 3.63 16.12 1.59
C ILE B 120 3.66 15.91 3.11
N SER B 121 3.76 17.00 3.87
CA SER B 121 3.71 16.95 5.33
C SER B 121 2.40 17.58 5.81
N ILE B 122 1.74 16.92 6.77
CA ILE B 122 0.52 17.40 7.41
C ILE B 122 0.86 17.43 8.89
N CYS B 123 0.91 18.63 9.46
CA CYS B 123 1.30 18.81 10.85
C CYS B 123 0.11 19.02 11.74
N MET B 124 -0.03 18.15 12.75
CA MET B 124 -1.18 18.10 13.62
C MET B 124 -0.85 18.20 15.08
N GLU B 125 -1.90 18.43 15.87
CA GLU B 125 -1.88 18.36 17.31
C GLU B 125 -1.44 16.92 17.64
N HIS B 126 -0.47 16.75 18.54
CA HIS B 126 -0.05 15.41 19.00
C HIS B 126 -1.06 14.96 20.04
N MET B 127 -1.70 13.81 19.79
CA MET B 127 -2.69 13.22 20.71
C MET B 127 -1.93 12.15 21.51
N ASP B 128 -1.66 12.42 22.81
CA ASP B 128 -0.81 11.58 23.66
C ASP B 128 -1.38 10.18 23.96
N GLY B 129 -2.66 9.95 23.69
CA GLY B 129 -3.30 8.67 23.90
C GLY B 129 -3.24 7.77 22.68
N GLY B 130 -2.77 8.32 21.56
CA GLY B 130 -2.66 7.63 20.28
C GLY B 130 -4.04 7.31 19.72
N SER B 131 -4.14 6.30 18.88
CA SER B 131 -5.46 5.95 18.29
C SER B 131 -6.14 4.83 19.01
N LEU B 132 -7.45 4.66 18.75
CA LEU B 132 -8.19 3.60 19.41
C LEU B 132 -7.73 2.20 19.00
N ASP B 133 -7.09 2.01 17.81
CA ASP B 133 -6.59 0.67 17.48
CA ASP B 133 -6.53 0.73 17.39
C ASP B 133 -5.43 0.37 18.43
N GLN B 134 -4.62 1.36 18.79
CA GLN B 134 -3.51 1.16 19.74
C GLN B 134 -4.04 0.92 21.14
N VAL B 135 -5.09 1.68 21.54
CA VAL B 135 -5.69 1.55 22.86
C VAL B 135 -6.33 0.17 23.02
N LEU B 136 -7.01 -0.30 21.97
CA LEU B 136 -7.69 -1.60 21.96
C LEU B 136 -6.73 -2.74 22.24
N LYS B 137 -5.49 -2.69 21.69
CA LYS B 137 -4.45 -3.71 21.91
C LYS B 137 -4.16 -3.87 23.40
N LYS B 138 -4.07 -2.74 24.13
CA LYS B 138 -3.81 -2.74 25.57
C LYS B 138 -5.04 -3.10 26.40
N ALA B 139 -6.21 -2.53 26.05
CA ALA B 139 -7.47 -2.74 26.78
C ALA B 139 -8.06 -4.16 26.61
N GLY B 140 -7.79 -4.81 25.46
CA GLY B 140 -8.41 -6.07 25.08
C GLY B 140 -9.72 -5.73 24.40
N ARG B 141 -10.67 -5.21 25.17
CA ARG B 141 -11.95 -4.70 24.64
C ARG B 141 -12.14 -3.31 25.24
N ILE B 142 -12.83 -2.44 24.50
CA ILE B 142 -13.16 -1.13 25.04
C ILE B 142 -14.61 -1.23 25.62
N PRO B 143 -14.82 -0.81 26.89
CA PRO B 143 -16.14 -0.97 27.51
C PRO B 143 -17.23 -0.20 26.79
N GLU B 144 -18.44 -0.75 26.81
CA GLU B 144 -19.59 -0.13 26.17
C GLU B 144 -19.80 1.37 26.55
N GLN B 145 -19.69 1.71 27.86
CA GLN B 145 -19.90 3.12 28.25
C GLN B 145 -18.86 4.06 27.61
N ILE B 146 -17.62 3.58 27.48
CA ILE B 146 -16.55 4.33 26.80
C ILE B 146 -16.91 4.44 25.33
N LEU B 147 -17.44 3.34 24.72
CA LEU B 147 -17.86 3.40 23.33
C LEU B 147 -19.04 4.34 23.09
N GLY B 148 -19.87 4.56 24.12
CA GLY B 148 -20.93 5.56 23.99
C GLY B 148 -20.34 6.95 23.76
N LYS B 149 -19.28 7.31 24.53
CA LYS B 149 -18.60 8.62 24.37
C LYS B 149 -17.89 8.70 23.02
N VAL B 150 -17.28 7.58 22.58
CA VAL B 150 -16.62 7.51 21.27
C VAL B 150 -17.67 7.76 20.16
N SER B 151 -18.83 7.07 20.25
CA SER B 151 -19.89 7.19 19.24
C SER B 151 -20.37 8.64 19.14
N ILE B 152 -20.58 9.31 20.29
CA ILE B 152 -21.00 10.73 20.29
C ILE B 152 -19.95 11.58 19.57
N ALA B 153 -18.66 11.36 19.89
CA ALA B 153 -17.58 12.14 19.26
C ALA B 153 -17.52 11.93 17.75
N VAL B 154 -17.63 10.66 17.30
CA VAL B 154 -17.61 10.37 15.87
C VAL B 154 -18.80 11.02 15.15
N ILE B 155 -20.02 10.86 15.71
CA ILE B 155 -21.20 11.46 15.08
C ILE B 155 -21.08 12.97 15.02
N LYS B 156 -20.67 13.60 16.14
CA LYS B 156 -20.54 15.07 16.14
C LYS B 156 -19.44 15.53 15.18
N GLY B 157 -18.35 14.79 15.09
CA GLY B 157 -17.24 15.08 14.18
C GLY B 157 -17.67 15.00 12.73
N LEU B 158 -18.38 13.92 12.37
CA LEU B 158 -18.90 13.74 11.01
C LEU B 158 -19.93 14.81 10.68
N THR B 159 -20.80 15.13 11.67
CA THR B 159 -21.83 16.17 11.47
C THR B 159 -21.13 17.51 11.23
N TYR B 160 -20.10 17.83 12.04
CA TYR B 160 -19.35 19.10 11.87
C TYR B 160 -18.78 19.18 10.45
N LEU B 161 -18.00 18.15 10.05
CA LEU B 161 -17.37 18.11 8.71
C LEU B 161 -18.38 18.30 7.58
N ARG B 162 -19.52 17.59 7.66
CA ARG B 162 -20.55 17.67 6.62
C ARG B 162 -21.28 19.02 6.61
N GLU B 163 -21.74 19.49 7.78
CA GLU B 163 -22.50 20.75 7.90
C GLU B 163 -21.70 22.00 7.65
N LYS B 164 -20.49 22.09 8.21
CA LYS B 164 -19.70 23.30 8.10
C LYS B 164 -18.80 23.35 6.86
N HIS B 165 -18.41 22.19 6.30
CA HIS B 165 -17.45 22.16 5.19
C HIS B 165 -17.82 21.28 4.01
N LYS B 166 -18.99 20.60 4.05
CA LYS B 166 -19.44 19.65 3.01
C LYS B 166 -18.38 18.56 2.74
N ILE B 167 -17.68 18.13 3.82
CA ILE B 167 -16.62 17.13 3.75
C ILE B 167 -17.17 15.79 4.26
N MET B 168 -16.86 14.73 3.54
CA MET B 168 -17.10 13.37 4.00
C MET B 168 -15.78 12.91 4.55
N HIS B 169 -15.83 12.06 5.59
CA HIS B 169 -14.59 11.57 6.16
C HIS B 169 -13.87 10.61 5.20
N ARG B 170 -14.57 9.54 4.77
CA ARG B 170 -14.10 8.53 3.79
C ARG B 170 -13.17 7.46 4.36
N ASP B 171 -12.70 7.60 5.62
CA ASP B 171 -11.76 6.65 6.18
C ASP B 171 -11.95 6.42 7.69
N VAL B 172 -13.20 6.21 8.12
CA VAL B 172 -13.49 6.00 9.52
C VAL B 172 -13.05 4.59 9.88
N LYS B 173 -12.22 4.49 10.91
CA LYS B 173 -11.71 3.22 11.46
C LYS B 173 -11.00 3.52 12.78
N PRO B 174 -10.71 2.49 13.61
CA PRO B 174 -10.12 2.78 14.93
C PRO B 174 -8.81 3.56 14.88
N SER B 175 -7.98 3.37 13.83
CA SER B 175 -6.70 4.09 13.76
C SER B 175 -6.87 5.59 13.49
N ASN B 176 -8.08 5.98 13.04
CA ASN B 176 -8.40 7.38 12.71
C ASN B 176 -9.27 8.06 13.78
N ILE B 177 -9.34 7.44 14.96
CA ILE B 177 -10.02 8.04 16.11
C ILE B 177 -8.92 8.20 17.17
N LEU B 178 -8.56 9.44 17.48
CA LEU B 178 -7.45 9.72 18.41
C LEU B 178 -7.93 10.16 19.75
N VAL B 179 -7.15 9.85 20.79
CA VAL B 179 -7.59 10.20 22.16
C VAL B 179 -6.45 10.84 22.93
N ASN B 180 -6.76 11.51 24.03
CA ASN B 180 -5.67 12.08 24.83
C ASN B 180 -5.97 11.99 26.34
N SER B 181 -4.97 12.33 27.16
CA SER B 181 -4.99 12.34 28.62
C SER B 181 -6.03 13.28 29.22
N ARG B 182 -6.52 14.25 28.43
CA ARG B 182 -7.56 15.20 28.85
C ARG B 182 -8.97 14.59 28.61
N GLY B 183 -9.01 13.42 27.99
CA GLY B 183 -10.24 12.69 27.73
C GLY B 183 -10.93 13.11 26.44
N GLU B 184 -10.21 13.82 25.57
CA GLU B 184 -10.75 14.25 24.31
C GLU B 184 -10.71 13.10 23.30
N ILE B 185 -11.67 13.08 22.37
CA ILE B 185 -11.79 12.04 21.31
C ILE B 185 -11.99 12.80 20.00
N LYS B 186 -11.09 12.58 19.04
CA LYS B 186 -11.09 13.39 17.82
C LYS B 186 -10.79 12.57 16.59
N LEU B 187 -11.39 12.96 15.48
CA LEU B 187 -11.18 12.30 14.20
C LEU B 187 -9.96 12.91 13.48
N CYS B 188 -9.27 12.07 12.71
CA CYS B 188 -8.17 12.53 11.84
C CYS B 188 -8.31 11.86 10.47
N ASP B 189 -7.44 12.23 9.52
CA ASP B 189 -7.38 11.57 8.21
C ASP B 189 -8.69 11.56 7.42
N PHE B 190 -9.39 12.69 7.42
CA PHE B 190 -10.62 12.81 6.64
C PHE B 190 -10.31 13.39 5.26
N GLY B 191 -11.21 13.14 4.31
CA GLY B 191 -11.03 13.50 2.90
C GLY B 191 -11.18 14.95 2.55
N VAL B 192 -10.29 15.78 3.10
CA VAL B 192 -10.30 17.23 2.86
C VAL B 192 -9.74 17.52 1.43
N SER B 193 -8.88 16.63 0.89
CA SER B 193 -8.28 16.83 -0.43
C SER B 193 -8.57 15.69 -1.40
N GLY B 194 -9.45 15.95 -2.36
CA GLY B 194 -9.78 14.99 -3.40
C GLY B 194 -8.56 14.68 -4.26
N GLN B 195 -7.72 15.70 -4.57
CA GLN B 195 -6.50 15.49 -5.36
C GLN B 195 -5.50 14.58 -4.62
N LEU B 196 -5.38 14.74 -3.28
CA LEU B 196 -4.47 13.90 -2.50
C LEU B 196 -4.94 12.43 -2.53
N ILE B 197 -6.25 12.20 -2.35
CA ILE B 197 -6.83 10.85 -2.38
C ILE B 197 -6.54 10.20 -3.74
N ASP B 198 -6.80 10.94 -4.84
CA ASP B 198 -6.56 10.53 -6.24
C ASP B 198 -5.08 10.29 -6.55
N SER B 199 -4.17 11.06 -5.92
CA SER B 199 -2.72 10.89 -6.13
C SER B 199 -2.15 9.71 -5.37
N MET B 200 -2.66 9.44 -4.14
CA MET B 200 -2.23 8.32 -3.28
C MET B 200 -2.67 6.97 -3.87
N ALA B 201 -3.86 6.94 -4.56
CA ALA B 201 -4.48 5.78 -5.20
C ALA B 201 -4.60 4.54 -4.30
N ARG B 208 -7.95 -6.64 6.02
CA ARG B 208 -8.86 -5.78 6.81
C ARG B 208 -9.46 -4.66 5.94
N SER B 209 -10.80 -4.47 6.03
CA SER B 209 -11.48 -3.38 5.30
C SER B 209 -12.67 -2.85 6.09
N TYR B 210 -12.79 -1.52 6.08
CA TYR B 210 -13.90 -0.83 6.75
C TYR B 210 -14.80 -0.22 5.70
N MET B 211 -14.58 -0.56 4.41
CA MET B 211 -15.41 0.00 3.33
C MET B 211 -16.78 -0.61 3.33
N SER B 212 -17.81 0.23 3.11
CA SER B 212 -19.18 -0.24 3.07
C SER B 212 -19.40 -1.14 1.84
N PRO B 213 -20.35 -2.10 1.90
CA PRO B 213 -20.62 -2.94 0.70
C PRO B 213 -20.88 -2.11 -0.57
N GLU B 214 -21.64 -0.99 -0.46
CA GLU B 214 -21.90 -0.18 -1.68
C GLU B 214 -20.63 0.50 -2.20
N ARG B 215 -19.73 0.96 -1.31
CA ARG B 215 -18.46 1.56 -1.75
C ARG B 215 -17.59 0.50 -2.45
N LEU B 216 -17.54 -0.72 -1.87
CA LEU B 216 -16.79 -1.80 -2.53
C LEU B 216 -17.29 -2.09 -3.96
N GLN B 217 -18.58 -1.81 -4.21
CA GLN B 217 -19.22 -2.03 -5.52
C GLN B 217 -19.18 -0.77 -6.43
N GLY B 218 -18.45 0.25 -5.98
CA GLY B 218 -18.18 1.46 -6.76
C GLY B 218 -19.08 2.67 -6.59
N THR B 219 -20.01 2.61 -5.63
CA THR B 219 -20.88 3.74 -5.38
C THR B 219 -20.03 4.90 -4.85
N HIS B 220 -20.37 6.14 -5.25
CA HIS B 220 -19.71 7.37 -4.80
C HIS B 220 -19.79 7.41 -3.27
N TYR B 221 -18.75 8.01 -2.65
CA TYR B 221 -18.69 8.14 -1.21
CA TYR B 221 -18.70 8.09 -1.19
C TYR B 221 -19.85 8.92 -0.65
N SER B 222 -20.32 8.56 0.57
CA SER B 222 -21.44 9.25 1.16
C SER B 222 -21.33 9.22 2.66
N VAL B 223 -22.12 10.04 3.34
CA VAL B 223 -22.16 10.02 4.81
C VAL B 223 -22.61 8.59 5.26
N GLN B 224 -23.51 7.94 4.50
CA GLN B 224 -23.95 6.58 4.85
C GLN B 224 -22.78 5.60 4.91
N SER B 225 -21.82 5.70 3.94
CA SER B 225 -20.66 4.81 3.98
C SER B 225 -19.81 5.04 5.24
N ASP B 226 -19.69 6.31 5.70
CA ASP B 226 -18.95 6.61 6.95
C ASP B 226 -19.66 5.98 8.18
N ILE B 227 -21.00 5.92 8.12
N ILE B 227 -21.00 5.94 8.15
CA ILE B 227 -21.86 5.35 9.18
CA ILE B 227 -21.80 5.36 9.26
C ILE B 227 -21.63 3.86 9.30
C ILE B 227 -21.58 3.85 9.32
N TRP B 228 -21.51 3.20 8.15
CA TRP B 228 -21.21 1.75 8.10
C TRP B 228 -19.82 1.53 8.77
N SER B 229 -18.80 2.30 8.33
CA SER B 229 -17.44 2.17 8.87
C SER B 229 -17.44 2.40 10.38
N MET B 230 -18.22 3.38 10.85
CA MET B 230 -18.35 3.65 12.30
C MET B 230 -18.93 2.42 13.05
N GLY B 231 -20.00 1.87 12.51
CA GLY B 231 -20.66 0.69 13.08
C GLY B 231 -19.72 -0.49 13.19
N LEU B 232 -18.99 -0.74 12.09
CA LEU B 232 -18.04 -1.86 12.09
C LEU B 232 -16.92 -1.61 13.09
N SER B 233 -16.44 -0.35 13.19
CA SER B 233 -15.37 0.00 14.12
C SER B 233 -15.85 -0.19 15.57
N LEU B 234 -17.12 0.16 15.85
CA LEU B 234 -17.66 -0.01 17.22
C LEU B 234 -17.74 -1.49 17.58
N VAL B 235 -18.18 -2.34 16.64
CA VAL B 235 -18.25 -3.79 16.94
C VAL B 235 -16.84 -4.31 17.21
N GLU B 236 -15.89 -3.94 16.33
CA GLU B 236 -14.50 -4.37 16.55
C GLU B 236 -13.98 -3.96 17.95
N MET B 237 -14.19 -2.71 18.33
CA MET B 237 -13.71 -2.23 19.64
C MET B 237 -14.44 -2.86 20.81
N ALA B 238 -15.71 -3.21 20.61
CA ALA B 238 -16.51 -3.83 21.67
C ALA B 238 -16.07 -5.27 21.94
N VAL B 239 -15.73 -6.03 20.87
CA VAL B 239 -15.38 -7.47 21.04
C VAL B 239 -13.86 -7.71 20.99
N GLY B 240 -13.10 -6.66 20.68
CA GLY B 240 -11.63 -6.72 20.65
C GLY B 240 -11.02 -7.35 19.42
N ARG B 241 -11.84 -7.63 18.39
CA ARG B 241 -11.32 -8.26 17.17
C ARG B 241 -12.11 -7.82 15.98
N TYR B 242 -11.43 -7.80 14.84
CA TYR B 242 -12.07 -7.41 13.58
C TYR B 242 -13.14 -8.49 13.29
N PRO B 243 -14.43 -8.10 13.18
CA PRO B 243 -15.49 -9.10 13.26
C PRO B 243 -15.99 -9.72 11.95
N ILE B 244 -15.33 -9.42 10.83
CA ILE B 244 -15.78 -9.92 9.50
C ILE B 244 -15.17 -11.25 9.20
N GLY B 245 -15.95 -12.07 8.51
CA GLY B 245 -15.54 -13.35 7.97
C GLY B 245 -15.19 -14.34 9.04
N SER B 246 -13.91 -14.77 9.04
CA SER B 246 -13.39 -15.72 10.02
C SER B 246 -13.63 -15.23 11.45
N GLY B 247 -13.63 -13.92 11.63
CA GLY B 247 -13.76 -13.32 12.96
C GLY B 247 -12.43 -13.36 13.70
N SER B 248 -11.32 -13.74 12.99
CA SER B 248 -9.94 -13.80 13.52
C SER B 248 -8.91 -13.99 12.38
N SER B 250 -5.12 -13.55 7.67
CA SER B 250 -6.26 -14.39 8.03
C SER B 250 -7.00 -14.75 6.73
N MET B 251 -7.58 -13.75 6.07
CA MET B 251 -8.34 -13.93 4.83
C MET B 251 -7.65 -13.37 3.61
N ALA B 252 -7.87 -14.01 2.45
CA ALA B 252 -7.39 -13.52 1.14
C ALA B 252 -8.29 -12.32 0.76
N ILE B 253 -7.82 -11.48 -0.17
CA ILE B 253 -8.51 -10.22 -0.50
C ILE B 253 -9.94 -10.44 -1.00
N PHE B 254 -10.15 -11.30 -2.03
CA PHE B 254 -11.50 -11.53 -2.52
C PHE B 254 -12.35 -12.20 -1.45
N GLU B 255 -11.77 -13.16 -0.70
CA GLU B 255 -12.47 -13.85 0.38
C GLU B 255 -13.09 -12.84 1.39
N LEU B 256 -12.30 -11.87 1.85
CA LEU B 256 -12.75 -10.83 2.78
C LEU B 256 -13.83 -9.94 2.15
N LEU B 257 -13.59 -9.46 0.93
CA LEU B 257 -14.54 -8.55 0.30
C LEU B 257 -15.85 -9.21 -0.04
N ASP B 258 -15.80 -10.50 -0.40
CA ASP B 258 -16.98 -11.29 -0.71
C ASP B 258 -17.82 -11.43 0.55
N TYR B 259 -17.20 -11.62 1.73
CA TYR B 259 -17.94 -11.69 3.01
C TYR B 259 -18.69 -10.38 3.26
N ILE B 260 -18.03 -9.25 3.03
CA ILE B 260 -18.67 -7.95 3.30
C ILE B 260 -19.83 -7.72 2.35
N VAL B 261 -19.61 -7.95 1.06
CA VAL B 261 -20.64 -7.66 0.07
C VAL B 261 -21.80 -8.68 0.11
N ASN B 262 -21.50 -9.98 0.27
CA ASN B 262 -22.48 -11.04 0.09
C ASN B 262 -22.98 -11.74 1.32
N GLU B 263 -22.46 -11.38 2.51
CA GLU B 263 -22.93 -12.05 3.71
C GLU B 263 -23.52 -11.04 4.70
N PRO B 264 -24.30 -11.48 5.69
CA PRO B 264 -24.86 -10.51 6.66
C PRO B 264 -23.80 -9.74 7.43
N PRO B 265 -24.13 -8.49 7.84
CA PRO B 265 -23.17 -7.71 8.63
C PRO B 265 -22.92 -8.36 9.99
N PRO B 266 -21.80 -8.00 10.64
CA PRO B 266 -21.52 -8.55 11.97
C PRO B 266 -22.49 -7.97 13.01
N LYS B 267 -22.63 -8.66 14.11
CA LYS B 267 -23.49 -8.17 15.19
C LYS B 267 -22.80 -8.44 16.51
N LEU B 268 -23.19 -7.68 17.54
CA LEU B 268 -22.62 -7.92 18.87
C LEU B 268 -23.16 -9.22 19.45
N PRO B 269 -22.36 -9.95 20.26
CA PRO B 269 -22.87 -11.15 20.95
C PRO B 269 -23.95 -10.72 21.97
N SER B 270 -24.99 -11.52 22.14
CA SER B 270 -26.19 -11.21 22.92
C SER B 270 -26.11 -11.06 24.47
N GLY B 271 -25.07 -11.56 25.12
CA GLY B 271 -25.04 -11.62 26.58
C GLY B 271 -24.50 -10.53 27.49
N VAL B 272 -23.59 -9.67 26.97
CA VAL B 272 -22.90 -8.68 27.78
C VAL B 272 -23.15 -7.23 27.30
N PHE B 273 -23.83 -7.06 26.16
CA PHE B 273 -24.10 -5.72 25.63
C PHE B 273 -25.54 -5.31 25.74
N SER B 274 -25.81 -4.02 26.06
CA SER B 274 -27.18 -3.56 26.14
C SER B 274 -27.97 -3.70 24.83
N LEU B 275 -29.29 -3.80 24.97
CA LEU B 275 -30.19 -3.84 23.82
C LEU B 275 -30.05 -2.56 22.99
N GLU B 276 -29.85 -1.40 23.66
CA GLU B 276 -29.72 -0.09 22.99
C GLU B 276 -28.45 -0.07 22.13
N PHE B 277 -27.33 -0.57 22.66
CA PHE B 277 -26.07 -0.63 21.89
C PHE B 277 -26.17 -1.59 20.72
N GLN B 278 -26.78 -2.77 20.93
CA GLN B 278 -27.01 -3.74 19.84
C GLN B 278 -27.83 -3.12 18.73
N ASP B 279 -28.90 -2.40 19.09
CA ASP B 279 -29.76 -1.77 18.08
C ASP B 279 -29.02 -0.68 17.34
N PHE B 280 -28.19 0.11 18.05
CA PHE B 280 -27.42 1.20 17.46
C PHE B 280 -26.47 0.67 16.38
N VAL B 281 -25.63 -0.32 16.74
CA VAL B 281 -24.70 -0.84 15.73
C VAL B 281 -25.44 -1.53 14.59
N ASN B 282 -26.60 -2.17 14.87
CA ASN B 282 -27.37 -2.82 13.82
C ASN B 282 -27.88 -1.81 12.83
N LYS B 283 -28.34 -0.66 13.32
CA LYS B 283 -28.83 0.42 12.44
C LYS B 283 -27.69 1.01 11.58
N CYS B 284 -26.44 1.02 12.10
CA CYS B 284 -25.30 1.50 11.31
C CYS B 284 -24.90 0.51 10.23
N LEU B 285 -25.09 -0.79 10.49
CA LEU B 285 -24.60 -1.87 9.63
C LEU B 285 -25.63 -2.45 8.67
N ILE B 286 -26.77 -1.79 8.50
CA ILE B 286 -27.75 -2.24 7.49
C ILE B 286 -27.04 -2.20 6.10
N LYS B 287 -27.13 -3.29 5.32
CA LYS B 287 -26.42 -3.39 4.04
C LYS B 287 -26.92 -2.37 2.99
N ASN B 288 -28.23 -2.18 2.91
CA ASN B 288 -28.90 -1.23 2.00
C ASN B 288 -28.72 0.18 2.59
N PRO B 289 -27.91 1.06 1.94
CA PRO B 289 -27.66 2.39 2.52
C PRO B 289 -28.91 3.25 2.64
N ALA B 290 -29.93 2.96 1.84
CA ALA B 290 -31.21 3.70 1.92
C ALA B 290 -31.97 3.39 3.23
N GLU B 291 -31.77 2.19 3.82
CA GLU B 291 -32.43 1.79 5.07
C GLU B 291 -31.54 2.02 6.31
N ARG B 292 -30.23 2.09 6.07
CA ARG B 292 -29.25 2.35 7.13
C ARG B 292 -29.54 3.71 7.76
N ALA B 293 -29.37 3.83 9.07
CA ALA B 293 -29.59 5.09 9.77
C ALA B 293 -28.73 6.24 9.23
N ASP B 294 -29.24 7.48 9.32
CA ASP B 294 -28.47 8.66 8.92
C ASP B 294 -27.98 9.39 10.19
N LEU B 295 -27.15 10.45 10.06
CA LEU B 295 -26.57 11.13 11.24
C LEU B 295 -27.62 11.71 12.18
N LYS B 296 -28.68 12.31 11.60
CA LYS B 296 -29.77 12.91 12.38
C LYS B 296 -30.45 11.84 13.25
N GLN B 297 -30.72 10.68 12.65
CA GLN B 297 -31.35 9.55 13.35
C GLN B 297 -30.42 8.99 14.42
N LEU B 298 -29.11 8.92 14.14
CA LEU B 298 -28.22 8.38 15.16
C LEU B 298 -28.09 9.30 16.38
N MET B 299 -28.11 10.62 16.17
CA MET B 299 -27.95 11.62 17.25
C MET B 299 -29.05 11.52 18.31
N VAL B 300 -30.25 11.02 17.92
CA VAL B 300 -31.37 10.86 18.83
C VAL B 300 -31.69 9.39 19.16
N HIS B 301 -30.80 8.46 18.77
CA HIS B 301 -30.97 7.05 19.10
C HIS B 301 -30.85 6.87 20.62
N ALA B 302 -31.61 5.91 21.20
CA ALA B 302 -31.58 5.61 22.66
C ALA B 302 -30.15 5.42 23.16
N PHE B 303 -29.27 4.72 22.40
CA PHE B 303 -27.89 4.51 22.85
C PHE B 303 -27.15 5.85 23.06
N ILE B 304 -27.36 6.81 22.16
CA ILE B 304 -26.68 8.10 22.23
C ILE B 304 -27.30 8.96 23.35
N LYS B 305 -28.64 8.98 23.46
CA LYS B 305 -29.31 9.72 24.51
C LYS B 305 -28.85 9.20 25.88
N ARG B 306 -28.73 7.86 26.03
CA ARG B 306 -28.28 7.27 27.28
C ARG B 306 -26.84 7.68 27.59
N SER B 307 -25.96 7.50 26.58
CA SER B 307 -24.54 7.79 26.74
C SER B 307 -24.28 9.26 27.01
N ASP B 308 -25.02 10.19 26.37
CA ASP B 308 -24.78 11.60 26.58
C ASP B 308 -25.12 12.02 28.03
N ALA B 309 -26.02 11.30 28.68
CA ALA B 309 -26.45 11.60 30.05
C ALA B 309 -25.52 10.99 31.12
N GLU B 310 -24.70 9.98 30.77
CA GLU B 310 -23.79 9.28 31.69
C GLU B 310 -22.50 10.10 31.94
N GLU B 311 -22.04 10.13 33.20
CA GLU B 311 -20.78 10.78 33.57
C GLU B 311 -19.80 9.62 33.58
N VAL B 312 -18.90 9.64 32.62
CA VAL B 312 -17.91 8.61 32.44
C VAL B 312 -16.57 9.32 32.57
N ASP B 313 -15.72 8.78 33.40
CA ASP B 313 -14.41 9.38 33.55
C ASP B 313 -13.52 8.78 32.45
N PHE B 314 -13.72 9.20 31.18
CA PHE B 314 -12.93 8.66 30.07
C PHE B 314 -11.42 8.88 30.26
N ALA B 315 -11.01 10.11 30.68
CA ALA B 315 -9.60 10.42 30.91
C ALA B 315 -8.99 9.46 31.94
N GLY B 316 -9.70 9.20 33.05
CA GLY B 316 -9.25 8.30 34.10
C GLY B 316 -9.08 6.88 33.59
N TRP B 317 -10.08 6.40 32.83
CA TRP B 317 -10.06 5.07 32.20
C TRP B 317 -8.86 4.94 31.25
N LEU B 318 -8.68 5.93 30.36
CA LEU B 318 -7.60 5.93 29.36
C LEU B 318 -6.25 5.90 30.05
N CYS B 319 -6.02 6.82 31.00
CA CYS B 319 -4.75 6.90 31.67
C CYS B 319 -4.38 5.63 32.45
N SER B 320 -5.36 4.96 33.08
CA SER B 320 -5.10 3.69 33.78
C SER B 320 -4.90 2.50 32.80
N THR B 321 -5.56 2.53 31.64
CA THR B 321 -5.43 1.43 30.66
C THR B 321 -4.14 1.48 29.87
N ILE B 322 -3.65 2.66 29.49
CA ILE B 322 -2.43 2.76 28.68
C ILE B 322 -1.22 3.31 29.45
N GLY B 323 -1.41 3.64 30.72
CA GLY B 323 -0.34 4.15 31.58
C GLY B 323 0.20 5.52 31.20
N LEU B 324 -0.66 6.55 31.24
CA LEU B 324 -0.29 7.95 30.95
C LEU B 324 -0.10 8.71 32.26
#